data_9Q83
#
_entry.id   9Q83
#
_cell.length_a   133.786
_cell.length_b   70.751
_cell.length_c   91.984
_cell.angle_alpha   90.000
_cell.angle_beta   117.935
_cell.angle_gamma   90.000
#
_symmetry.space_group_name_H-M   'C 1 2 1'
#
loop_
_entity.id
_entity.type
_entity.pdbx_description
1 polymer 'LysM type receptor kinase'
2 branched 2-acetamido-2-deoxy-beta-D-glucopyranose-(1-4)-2-acetamido-2-deoxy-beta-D-glucopyranose-(1-4)-2-acetamido-2-deoxy-beta-D-glucopyranose-(1-4)-2-acetamido-2-deoxy-beta-D-glucopyranose-(1-4)-2-acetamido-2-deoxy-beta-D-glucopyranose-(1-4)-2-acetamido-2-deoxy-beta-D-glucopyranose-(1-4)-2-acetamido-2-deoxy-beta-D-glucopyranose-(1-4)-2-acetamido-2-deoxy-beta-D-glucopyranose
3 branched beta-D-mannopyranose-(1-4)-2-acetamido-2-deoxy-beta-D-glucopyranose-(1-4)-2-acetamido-2-deoxy-beta-D-glucopyranose
4 branched 2-acetamido-2-deoxy-beta-D-glucopyranose-(1-4)-2-acetamido-2-deoxy-beta-D-glucopyranose
5 branched 2-acetamido-2-deoxy-beta-D-glucopyranose-(1-4)-[alpha-L-fucopyranose-(1-6)]2-acetamido-2-deoxy-beta-D-glucopyranose
6 non-polymer 'ACETATE ION'
7 non-polymer IMIDAZOLE
8 non-polymer GLYCEROL
9 non-polymer 'SULFATE ION'
10 non-polymer 2-acetamido-2-deoxy-beta-D-glucopyranose
11 water water
#
_entity_poly.entity_id   1
_entity_poly.type   'polypeptide(L)'
_entity_poly.pdbx_seq_one_letter_code
;(PCA)QEYLNNNQLDCDNTHNSTYGNVCNSVTSCQSYLTFKSSSPEYNTPSSISYLLNSTPSLVAKSNNITDVTPIITDT
MVTVPVTCSCSGGRYQHNATYNLKKTGETYFSIANNTYQSLTTCQALMAQNPYDAKNLFAGDDLHVPLRCACPTKKQSDA
GFKYLLTYLVSQGESPDSIAEIFGVDTQSVLDANELDSKSVVFYFTPLLVPLKTEPPARLQIAASPPESPPPAPAGNDSS
SSSKKWHHHHHH
;
_entity_poly.pdbx_strand_id   A,E
#
# COMPACT_ATOMS: atom_id res chain seq x y z
N GLN A 2 -1.01 0.70 14.01
CA GLN A 2 0.16 0.39 13.20
C GLN A 2 -0.25 0.15 11.76
N GLU A 3 0.70 0.30 10.84
CA GLU A 3 0.40 0.13 9.42
C GLU A 3 0.23 -1.35 9.09
N TYR A 4 -0.74 -1.64 8.21
CA TYR A 4 -1.00 -3.02 7.80
C TYR A 4 -0.03 -3.44 6.70
N LEU A 5 0.41 -4.70 6.78
CA LEU A 5 1.43 -5.18 5.84
C LEU A 5 0.93 -5.16 4.40
N ASN A 6 -0.36 -5.46 4.20
CA ASN A 6 -1.00 -5.38 2.88
C ASN A 6 -0.28 -6.27 1.85
N ASN A 7 0.22 -7.42 2.29
CA ASN A 7 0.90 -8.41 1.46
C ASN A 7 2.21 -7.91 0.86
N ASN A 8 2.69 -6.73 1.29
CA ASN A 8 3.96 -6.22 0.77
C ASN A 8 5.14 -7.13 1.10
N GLN A 9 4.98 -8.10 1.99
CA GLN A 9 6.08 -8.96 2.40
C GLN A 9 6.29 -10.16 1.48
N LEU A 10 5.39 -10.42 0.54
CA LEU A 10 5.55 -11.54 -0.37
C LEU A 10 6.51 -11.25 -1.51
N ASP A 11 6.93 -10.00 -1.68
CA ASP A 11 7.88 -9.59 -2.70
C ASP A 11 9.09 -8.98 -1.99
N CYS A 12 10.19 -9.73 -1.93
CA CYS A 12 11.36 -9.28 -1.19
C CYS A 12 12.14 -8.18 -1.91
N ASP A 13 11.63 -7.66 -3.02
CA ASP A 13 12.12 -6.43 -3.62
C ASP A 13 11.33 -5.21 -3.18
N ASN A 14 10.20 -5.42 -2.50
CA ASN A 14 9.39 -4.32 -1.97
C ASN A 14 10.07 -3.71 -0.75
N THR A 15 10.02 -2.38 -0.65
CA THR A 15 10.69 -1.64 0.42
C THR A 15 9.74 -0.80 1.25
N HIS A 16 8.46 -1.16 1.28
CA HIS A 16 7.47 -0.36 1.99
C HIS A 16 7.82 -0.24 3.48
N ASN A 17 7.40 0.88 4.08
CA ASN A 17 7.69 1.17 5.48
C ASN A 17 7.28 0.02 6.38
N SER A 18 6.13 -0.59 6.11
CA SER A 18 5.58 -1.59 7.03
C SER A 18 6.36 -2.88 7.04
N THR A 19 7.05 -3.22 5.94
CA THR A 19 7.74 -4.51 5.88
C THR A 19 8.92 -4.59 6.84
N TYR A 20 9.44 -3.45 7.29
CA TYR A 20 10.58 -3.45 8.21
C TYR A 20 10.16 -3.59 9.66
N GLY A 21 8.86 -3.73 9.93
CA GLY A 21 8.36 -3.93 11.28
C GLY A 21 7.43 -2.81 11.71
N ASN A 22 6.78 -3.05 12.85
CA ASN A 22 5.94 -2.05 13.46
C ASN A 22 6.80 -0.88 13.95
N VAL A 23 6.16 0.28 14.10
CA VAL A 23 6.84 1.51 14.45
C VAL A 23 6.71 1.76 15.95
N CYS A 24 7.78 2.24 16.57
CA CYS A 24 7.85 2.53 18.01
C CYS A 24 7.11 3.84 18.29
N ASN A 25 5.80 3.75 18.48
CA ASN A 25 4.98 4.95 18.72
C ASN A 25 4.34 4.94 20.11
N SER A 26 4.90 4.22 21.07
CA SER A 26 4.32 4.22 22.41
C SER A 26 5.43 3.87 23.40
N VAL A 27 5.07 3.17 24.49
CA VAL A 27 6.04 2.86 25.54
C VAL A 27 7.21 2.04 24.97
N THR A 28 8.35 2.12 25.67
CA THR A 28 9.56 1.49 25.13
C THR A 28 9.54 -0.04 25.28
N SER A 29 8.76 -0.57 26.24
CA SER A 29 8.59 -2.01 26.37
C SER A 29 7.20 -2.29 26.89
N CYS A 30 6.76 -3.54 26.71
CA CYS A 30 5.46 -4.00 27.20
C CYS A 30 5.35 -5.50 27.00
N GLN A 31 4.34 -6.08 27.65
CA GLN A 31 3.97 -7.47 27.39
C GLN A 31 3.14 -7.54 26.11
N SER A 32 3.45 -8.53 25.27
CA SER A 32 2.73 -8.73 24.02
CA SER A 32 2.72 -8.73 24.02
C SER A 32 2.51 -10.22 23.81
N TYR A 33 1.79 -10.56 22.74
CA TYR A 33 1.46 -11.94 22.43
C TYR A 33 1.63 -12.22 20.95
N LEU A 34 2.19 -13.38 20.63
CA LEU A 34 2.22 -13.90 19.27
C LEU A 34 1.32 -15.13 19.19
N THR A 35 1.00 -15.52 17.95
CA THR A 35 0.28 -16.75 17.67
C THR A 35 1.10 -17.60 16.72
N PHE A 36 0.86 -18.91 16.75
CA PHE A 36 1.69 -19.84 15.99
C PHE A 36 0.96 -21.16 15.84
N LYS A 37 0.83 -21.63 14.60
CA LYS A 37 0.17 -22.91 14.35
C LYS A 37 1.15 -24.06 14.58
N SER A 38 0.80 -24.94 15.52
CA SER A 38 1.63 -26.10 15.81
CA SER A 38 1.63 -26.10 15.81
C SER A 38 1.93 -26.88 14.54
N SER A 39 3.18 -27.29 14.40
CA SER A 39 3.65 -28.01 13.22
C SER A 39 4.49 -29.20 13.64
N SER A 40 4.04 -30.40 13.26
CA SER A 40 4.76 -31.62 13.59
C SER A 40 5.75 -31.97 12.49
N PRO A 41 6.91 -32.56 12.82
CA PRO A 41 7.38 -32.97 14.14
C PRO A 41 8.37 -32.02 14.80
N GLU A 42 8.66 -30.86 14.22
CA GLU A 42 9.73 -30.00 14.72
C GLU A 42 9.25 -28.92 15.68
N TYR A 43 8.02 -28.43 15.52
CA TYR A 43 7.53 -27.28 16.29
C TYR A 43 6.12 -27.56 16.81
N ASN A 44 6.00 -28.59 17.65
CA ASN A 44 4.69 -29.02 18.14
C ASN A 44 4.67 -29.23 19.66
N THR A 45 5.70 -28.79 20.37
CA THR A 45 5.75 -28.83 21.82
C THR A 45 6.11 -27.44 22.33
N PRO A 46 5.83 -27.15 23.60
CA PRO A 46 6.23 -25.84 24.15
C PRO A 46 7.72 -25.58 24.08
N SER A 47 8.56 -26.61 24.26
CA SER A 47 10.01 -26.40 24.21
C SER A 47 10.45 -25.95 22.83
N SER A 48 10.00 -26.64 21.77
CA SER A 48 10.46 -26.31 20.43
C SER A 48 9.78 -25.06 19.88
N ILE A 49 8.52 -24.82 20.27
CA ILE A 49 7.86 -23.58 19.86
C ILE A 49 8.53 -22.38 20.49
N SER A 50 8.84 -22.46 21.79
CA SER A 50 9.51 -21.35 22.47
CA SER A 50 9.51 -21.36 22.47
C SER A 50 10.97 -21.22 22.08
N TYR A 51 11.60 -22.30 21.62
CA TYR A 51 12.97 -22.21 21.14
C TYR A 51 13.03 -21.48 19.80
N LEU A 52 12.01 -21.68 18.96
CA LEU A 52 11.94 -20.98 17.67
C LEU A 52 11.59 -19.52 17.86
N LEU A 53 10.67 -19.21 18.78
CA LEU A 53 10.13 -17.87 18.94
C LEU A 53 10.72 -17.10 20.11
N ASN A 54 11.68 -17.69 20.83
CA ASN A 54 12.34 -17.04 21.97
C ASN A 54 11.33 -16.55 23.01
N SER A 55 10.56 -17.49 23.53
CA SER A 55 9.68 -17.24 24.67
C SER A 55 10.12 -18.14 25.82
N THR A 56 9.21 -18.84 26.50
CA THR A 56 9.56 -19.71 27.59
CA THR A 56 9.63 -19.78 27.51
C THR A 56 8.56 -20.86 27.57
N PRO A 57 8.97 -22.11 27.77
CA PRO A 57 7.99 -23.22 27.69
C PRO A 57 6.84 -23.10 28.66
N SER A 58 7.03 -22.45 29.81
CA SER A 58 5.95 -22.34 30.79
C SER A 58 5.02 -21.16 30.51
N LEU A 59 5.51 -20.09 29.88
CA LEU A 59 4.61 -19.04 29.43
C LEU A 59 3.69 -19.56 28.33
N VAL A 60 4.26 -20.21 27.32
CA VAL A 60 3.46 -20.95 26.34
C VAL A 60 2.51 -21.90 27.04
N ALA A 61 3.00 -22.60 28.07
CA ALA A 61 2.18 -23.57 28.79
C ALA A 61 1.00 -22.91 29.49
N LYS A 62 1.27 -21.84 30.25
CA LYS A 62 0.19 -21.17 30.97
C LYS A 62 -0.74 -20.42 30.03
N SER A 63 -0.22 -19.88 28.94
CA SER A 63 -1.05 -19.10 28.03
C SER A 63 -2.08 -19.95 27.30
N ASN A 64 -1.85 -21.26 27.19
CA ASN A 64 -2.74 -22.15 26.48
C ASN A 64 -3.37 -23.21 27.38
N ASN A 65 -3.19 -23.11 28.70
CA ASN A 65 -3.77 -24.05 29.67
C ASN A 65 -3.31 -25.48 29.40
N ILE A 66 -2.00 -25.66 29.23
CA ILE A 66 -1.38 -26.95 29.04
C ILE A 66 -0.12 -27.01 29.90
N THR A 67 0.51 -28.18 29.92
CA THR A 67 1.79 -28.33 30.61
C THR A 67 2.92 -27.98 29.67
N ASP A 68 4.10 -27.71 30.23
CA ASP A 68 5.21 -27.27 29.41
C ASP A 68 5.83 -28.38 28.56
N VAL A 69 5.26 -29.59 28.55
CA VAL A 69 5.76 -30.67 27.70
C VAL A 69 4.61 -31.29 26.91
N THR A 70 3.44 -30.64 26.93
CA THR A 70 2.27 -31.18 26.26
C THR A 70 2.41 -31.07 24.75
N PRO A 71 2.43 -32.19 24.02
CA PRO A 71 2.46 -32.11 22.55
C PRO A 71 1.17 -31.49 22.03
N ILE A 72 1.31 -30.52 21.13
CA ILE A 72 0.19 -29.75 20.61
C ILE A 72 -0.20 -30.32 19.25
N ILE A 73 -1.50 -30.60 19.07
CA ILE A 73 -1.97 -31.19 17.84
C ILE A 73 -1.70 -30.26 16.67
N THR A 74 -1.29 -30.83 15.54
CA THR A 74 -0.90 -30.04 14.38
C THR A 74 -2.03 -29.13 13.92
N ASP A 75 -1.66 -27.92 13.48
CA ASP A 75 -2.53 -26.87 12.98
C ASP A 75 -3.30 -26.14 14.08
N THR A 76 -3.03 -26.46 15.35
CA THR A 76 -3.61 -25.69 16.43
C THR A 76 -2.89 -24.36 16.58
N MET A 77 -3.64 -23.27 16.70
CA MET A 77 -3.06 -21.97 16.96
C MET A 77 -2.88 -21.79 18.47
N VAL A 78 -1.67 -21.46 18.88
CA VAL A 78 -1.35 -21.27 20.29
C VAL A 78 -0.81 -19.87 20.50
N THR A 79 -1.14 -19.29 21.64
CA THR A 79 -0.65 -17.96 21.99
CA THR A 79 -0.65 -17.96 21.99
C THR A 79 0.72 -18.07 22.65
N VAL A 80 1.60 -17.13 22.31
CA VAL A 80 2.98 -17.12 22.77
C VAL A 80 3.29 -15.76 23.39
N PRO A 81 3.30 -15.63 24.71
CA PRO A 81 3.63 -14.35 25.33
C PRO A 81 5.10 -13.99 25.07
N VAL A 82 5.32 -12.76 24.59
CA VAL A 82 6.67 -12.28 24.29
C VAL A 82 6.78 -10.83 24.73
N THR A 83 7.98 -10.44 25.15
CA THR A 83 8.26 -9.04 25.45
C THR A 83 8.50 -8.28 24.16
N CYS A 84 7.80 -7.16 24.01
CA CYS A 84 7.95 -6.29 22.85
C CYS A 84 8.69 -5.04 23.29
N SER A 85 9.77 -4.69 22.60
CA SER A 85 10.58 -3.54 22.95
CA SER A 85 10.60 -3.56 22.95
C SER A 85 10.99 -2.79 21.70
N CYS A 86 11.09 -1.47 21.84
CA CYS A 86 11.55 -0.65 20.73
C CYS A 86 13.01 -0.93 20.43
N SER A 87 13.34 -0.97 19.15
CA SER A 87 14.72 -1.20 18.71
C SER A 87 14.90 -0.52 17.37
N GLY A 88 15.75 0.51 17.34
CA GLY A 88 15.98 1.24 16.11
C GLY A 88 14.72 1.82 15.49
N GLY A 89 13.81 2.34 16.31
CA GLY A 89 12.57 2.90 15.81
C GLY A 89 11.53 1.87 15.43
N ARG A 90 11.75 0.60 15.72
CA ARG A 90 10.81 -0.46 15.41
C ARG A 90 10.43 -1.22 16.67
N TYR A 91 9.18 -1.68 16.71
CA TYR A 91 8.75 -2.65 17.71
C TYR A 91 9.06 -4.05 17.21
N GLN A 92 9.75 -4.85 18.03
CA GLN A 92 10.03 -6.21 17.65
C GLN A 92 10.32 -7.03 18.89
N HIS A 93 10.29 -8.36 18.72
CA HIS A 93 10.73 -9.31 19.74
C HIS A 93 11.86 -10.14 19.16
N ASN A 94 13.06 -9.97 19.71
CA ASN A 94 14.26 -10.57 19.15
C ASN A 94 14.27 -12.09 19.36
N ALA A 95 14.57 -12.82 18.28
CA ALA A 95 14.75 -14.26 18.32
C ALA A 95 15.85 -14.66 17.35
N THR A 96 16.28 -15.92 17.41
CA THR A 96 17.44 -16.38 16.69
C THR A 96 17.13 -17.72 16.00
N TYR A 97 17.80 -17.96 14.86
CA TYR A 97 17.46 -19.10 14.02
C TYR A 97 18.69 -19.58 13.25
N ASN A 98 19.06 -20.84 13.44
CA ASN A 98 20.10 -21.49 12.64
C ASN A 98 19.45 -22.17 11.44
N LEU A 99 19.98 -21.91 10.25
CA LEU A 99 19.49 -22.60 9.07
C LEU A 99 19.81 -24.09 9.16
N LYS A 100 18.79 -24.93 9.02
CA LYS A 100 18.99 -26.36 9.14
C LYS A 100 19.55 -26.98 7.87
N LYS A 101 19.23 -26.42 6.70
CA LYS A 101 19.63 -26.99 5.43
C LYS A 101 19.91 -25.89 4.42
N THR A 102 20.98 -26.06 3.65
CA THR A 102 21.20 -25.18 2.50
C THR A 102 20.04 -25.32 1.54
N GLY A 103 19.52 -24.19 1.08
CA GLY A 103 18.30 -24.13 0.29
C GLY A 103 17.21 -23.30 0.90
N GLU A 104 17.22 -23.11 2.21
CA GLU A 104 16.29 -22.18 2.84
C GLU A 104 16.64 -20.76 2.42
N THR A 105 15.61 -19.91 2.36
CA THR A 105 15.78 -18.52 1.96
C THR A 105 15.21 -17.61 3.05
N TYR A 106 15.52 -16.32 2.94
CA TYR A 106 14.91 -15.34 3.82
C TYR A 106 13.40 -15.41 3.73
N PHE A 107 12.85 -15.65 2.53
CA PHE A 107 11.40 -15.72 2.39
C PHE A 107 10.83 -17.00 2.99
N SER A 108 11.49 -18.14 2.76
CA SER A 108 10.99 -19.39 3.31
C SER A 108 11.06 -19.38 4.82
N ILE A 109 12.13 -18.80 5.38
CA ILE A 109 12.21 -18.67 6.83
C ILE A 109 11.12 -17.74 7.35
N ALA A 110 10.85 -16.65 6.63
CA ALA A 110 9.86 -15.68 7.06
C ALA A 110 8.44 -16.24 6.93
N ASN A 111 8.06 -16.66 5.72
CA ASN A 111 6.69 -17.07 5.45
C ASN A 111 6.40 -18.51 5.85
N ASN A 112 7.33 -19.45 5.60
CA ASN A 112 7.04 -20.85 5.88
C ASN A 112 7.34 -21.21 7.34
N THR A 113 8.61 -21.08 7.75
CA THR A 113 9.01 -21.53 9.08
C THR A 113 8.37 -20.69 10.18
N TYR A 114 8.50 -19.37 10.09
CA TYR A 114 7.95 -18.47 11.10
C TYR A 114 6.52 -18.05 10.80
N GLN A 115 5.92 -18.56 9.72
CA GLN A 115 4.50 -18.38 9.43
C GLN A 115 4.13 -16.89 9.34
N SER A 116 4.98 -16.12 8.68
CA SER A 116 4.80 -14.68 8.47
C SER A 116 4.81 -13.89 9.78
N LEU A 117 5.40 -14.45 10.84
CA LEU A 117 5.62 -13.65 12.04
C LEU A 117 6.75 -12.65 11.87
N THR A 118 7.54 -12.78 10.80
CA THR A 118 8.50 -11.77 10.40
C THR A 118 8.50 -11.71 8.87
N THR A 119 9.28 -10.77 8.33
CA THR A 119 9.35 -10.51 6.90
C THR A 119 10.77 -10.71 6.41
N CYS A 120 10.91 -11.02 5.12
CA CYS A 120 12.25 -11.09 4.53
C CYS A 120 12.93 -9.73 4.55
N GLN A 121 12.16 -8.64 4.43
CA GLN A 121 12.75 -7.31 4.50
C GLN A 121 13.41 -7.08 5.86
N ALA A 122 12.71 -7.40 6.95
CA ALA A 122 13.29 -7.21 8.27
C ALA A 122 14.47 -8.15 8.49
N LEU A 123 14.37 -9.38 8.00
CA LEU A 123 15.48 -10.32 8.13
C LEU A 123 16.71 -9.83 7.37
N MET A 124 16.51 -9.34 6.14
CA MET A 124 17.63 -8.80 5.38
C MET A 124 18.18 -7.54 6.04
N ALA A 125 17.30 -6.68 6.55
CA ALA A 125 17.76 -5.42 7.14
C ALA A 125 18.60 -5.65 8.38
N GLN A 126 18.43 -6.79 9.05
CA GLN A 126 19.05 -7.03 10.34
C GLN A 126 20.01 -8.22 10.34
N ASN A 127 20.47 -8.65 9.16
CA ASN A 127 21.43 -9.74 9.04
C ASN A 127 22.44 -9.40 7.95
N PRO A 128 23.67 -9.92 8.05
CA PRO A 128 24.71 -9.51 7.09
C PRO A 128 24.67 -10.24 5.75
N TYR A 129 24.14 -11.46 5.73
CA TYR A 129 24.20 -12.28 4.53
C TYR A 129 23.32 -11.71 3.41
N ASP A 130 23.81 -11.80 2.18
CA ASP A 130 22.98 -11.46 1.05
C ASP A 130 21.97 -12.57 0.78
N ALA A 131 20.83 -12.19 0.20
CA ALA A 131 19.70 -13.11 0.05
C ALA A 131 20.10 -14.41 -0.66
N LYS A 132 20.89 -14.30 -1.74
CA LYS A 132 21.30 -15.46 -2.53
C LYS A 132 22.57 -16.12 -2.01
N ASN A 133 22.95 -15.86 -0.75
CA ASN A 133 24.24 -16.26 -0.21
C ASN A 133 24.08 -16.91 1.16
N LEU A 134 23.02 -17.70 1.33
CA LEU A 134 22.72 -18.33 2.61
C LEU A 134 23.09 -19.80 2.59
N PHE A 135 23.68 -20.27 3.69
CA PHE A 135 24.12 -21.65 3.81
C PHE A 135 23.67 -22.22 5.15
N ALA A 136 23.49 -23.54 5.18
CA ALA A 136 23.17 -24.22 6.42
C ALA A 136 24.24 -23.93 7.47
N GLY A 137 23.80 -23.56 8.67
CA GLY A 137 24.69 -23.14 9.73
C GLY A 137 24.70 -21.65 9.97
N ASP A 138 24.24 -20.85 9.01
CA ASP A 138 24.12 -19.41 9.24
C ASP A 138 23.13 -19.15 10.37
N ASP A 139 23.48 -18.19 11.22
CA ASP A 139 22.71 -17.85 12.40
C ASP A 139 22.08 -16.48 12.20
N LEU A 140 20.76 -16.42 12.24
CA LEU A 140 20.02 -15.22 11.86
C LEU A 140 19.36 -14.56 13.07
N HIS A 141 19.42 -13.24 13.12
CA HIS A 141 18.58 -12.46 14.00
C HIS A 141 17.18 -12.36 13.40
N VAL A 142 16.17 -12.77 14.16
CA VAL A 142 14.79 -12.81 13.69
C VAL A 142 14.01 -11.73 14.43
N PRO A 143 13.60 -10.65 13.75
CA PRO A 143 12.73 -9.67 14.41
C PRO A 143 11.27 -9.99 14.22
N LEU A 144 10.64 -10.52 15.26
CA LEU A 144 9.25 -10.94 15.19
C LEU A 144 8.32 -9.75 15.41
N ARG A 145 7.22 -9.72 14.67
CA ARG A 145 6.36 -8.55 14.61
C ARG A 145 5.47 -8.48 15.86
N CYS A 146 5.64 -7.42 16.63
CA CYS A 146 4.79 -7.13 17.78
C CYS A 146 4.70 -5.61 17.93
N ALA A 147 3.83 -5.18 18.84
CA ALA A 147 3.66 -3.76 19.08
C ALA A 147 3.10 -3.55 20.48
N CYS A 148 3.34 -2.35 21.02
CA CYS A 148 2.82 -1.95 22.31
C CYS A 148 1.68 -0.95 22.14
N PRO A 149 0.66 -1.00 23.00
CA PRO A 149 -0.52 -0.15 22.79
C PRO A 149 -0.18 1.34 22.90
N THR A 150 -0.81 2.13 22.04
CA THR A 150 -0.66 3.57 22.13
C THR A 150 -1.51 4.12 23.27
N LYS A 151 -1.12 5.31 23.76
CA LYS A 151 -1.85 5.96 24.84
C LYS A 151 -3.33 6.03 24.55
N LYS A 152 -3.69 6.19 23.28
CA LYS A 152 -5.09 6.23 22.87
C LYS A 152 -5.74 4.86 23.03
N GLN A 153 -5.03 3.79 22.68
CA GLN A 153 -5.55 2.43 22.90
C GLN A 153 -5.59 2.10 24.38
N SER A 154 -4.57 2.52 25.13
CA SER A 154 -4.58 2.29 26.58
C SER A 154 -5.73 3.03 27.24
N ASP A 155 -6.05 4.23 26.75
CA ASP A 155 -7.18 4.98 27.30
C ASP A 155 -8.50 4.29 27.01
N ALA A 156 -8.63 3.67 25.84
CA ALA A 156 -9.83 2.90 25.54
C ALA A 156 -9.89 1.59 26.30
N GLY A 157 -8.88 1.26 27.09
CA GLY A 157 -8.91 0.08 27.93
C GLY A 157 -8.19 -1.15 27.41
N PHE A 158 -7.28 -1.00 26.46
CA PHE A 158 -6.55 -2.13 25.88
C PHE A 158 -5.20 -2.27 26.58
N LYS A 159 -4.97 -3.43 27.17
CA LYS A 159 -3.74 -3.68 27.92
C LYS A 159 -2.64 -4.25 27.03
N TYR A 160 -2.98 -5.11 26.07
CA TYR A 160 -2.00 -5.71 25.19
C TYR A 160 -2.44 -5.60 23.74
N LEU A 161 -1.48 -5.72 22.85
CA LEU A 161 -1.71 -5.98 21.43
C LEU A 161 -1.25 -7.40 21.12
N LEU A 162 -2.02 -8.10 20.29
CA LEU A 162 -1.71 -9.48 19.90
C LEU A 162 -1.48 -9.54 18.40
N THR A 163 -0.43 -10.23 18.00
CA THR A 163 -0.13 -10.47 16.58
C THR A 163 -0.84 -11.76 16.15
N TYR A 164 -1.82 -11.63 15.28
CA TYR A 164 -2.70 -12.74 14.89
C TYR A 164 -2.34 -13.22 13.50
N LEU A 165 -2.19 -14.54 13.34
CA LEU A 165 -1.88 -15.16 12.05
C LEU A 165 -3.20 -15.48 11.34
N VAL A 166 -3.51 -14.72 10.28
CA VAL A 166 -4.81 -14.79 9.64
C VAL A 166 -4.83 -15.97 8.68
N SER A 167 -5.87 -16.81 8.80
CA SER A 167 -6.09 -17.94 7.91
C SER A 167 -7.21 -17.63 6.92
N GLN A 168 -7.26 -18.42 5.85
CA GLN A 168 -8.27 -18.21 4.82
C GLN A 168 -9.67 -18.39 5.39
N GLY A 169 -10.54 -17.42 5.13
CA GLY A 169 -11.92 -17.47 5.58
C GLY A 169 -12.25 -16.50 6.69
N GLU A 170 -11.26 -15.85 7.28
CA GLU A 170 -11.52 -14.95 8.40
C GLU A 170 -11.75 -13.53 7.92
N SER A 171 -12.27 -12.70 8.83
CA SER A 171 -12.51 -11.29 8.60
C SER A 171 -12.19 -10.56 9.89
N PRO A 172 -11.90 -9.25 9.82
CA PRO A 172 -11.71 -8.48 11.05
C PRO A 172 -12.88 -8.61 12.02
N ASP A 173 -14.04 -9.02 11.50
CA ASP A 173 -15.21 -9.23 12.34
C ASP A 173 -15.17 -10.58 13.05
N SER A 174 -14.82 -11.65 12.33
CA SER A 174 -14.76 -12.96 12.97
C SER A 174 -13.55 -13.10 13.88
N ILE A 175 -12.47 -12.38 13.58
CA ILE A 175 -11.30 -12.39 14.45
C ILE A 175 -11.60 -11.64 15.75
N ALA A 176 -12.19 -10.45 15.63
CA ALA A 176 -12.57 -9.69 16.82
C ALA A 176 -13.56 -10.43 17.70
N GLU A 177 -14.33 -11.36 17.12
CA GLU A 177 -15.22 -12.19 17.92
C GLU A 177 -14.46 -13.12 18.83
N ILE A 178 -13.30 -13.62 18.39
CA ILE A 178 -12.52 -14.55 19.20
C ILE A 178 -12.11 -13.89 20.51
N PHE A 179 -11.72 -12.63 20.45
CA PHE A 179 -11.16 -11.93 21.59
C PHE A 179 -12.15 -10.98 22.25
N GLY A 180 -13.41 -10.99 21.82
CA GLY A 180 -14.45 -10.20 22.47
C GLY A 180 -14.22 -8.70 22.40
N VAL A 181 -13.83 -8.19 21.23
CA VAL A 181 -13.60 -6.77 21.03
C VAL A 181 -14.42 -6.28 19.85
N ASP A 182 -14.56 -4.96 19.76
CA ASP A 182 -15.24 -4.36 18.62
C ASP A 182 -14.45 -4.64 17.36
N THR A 183 -15.17 -5.04 16.30
CA THR A 183 -14.55 -5.16 14.98
C THR A 183 -13.86 -3.87 14.59
N GLN A 184 -14.47 -2.72 14.89
CA GLN A 184 -13.77 -1.44 14.74
C GLN A 184 -12.36 -1.53 15.31
N SER A 185 -12.27 -1.77 16.63
N SER A 185 -12.26 -1.77 16.63
CA SER A 185 -10.98 -1.76 17.33
CA SER A 185 -10.98 -1.76 17.33
C SER A 185 -9.89 -2.51 16.59
C SER A 185 -9.89 -2.51 16.59
N VAL A 186 -10.25 -3.57 15.86
CA VAL A 186 -9.25 -4.28 15.06
C VAL A 186 -8.85 -3.45 13.86
N LEU A 187 -9.82 -2.76 13.24
CA LEU A 187 -9.51 -1.91 12.09
C LEU A 187 -8.64 -0.72 12.50
N ASP A 188 -8.85 -0.15 13.70
CA ASP A 188 -8.00 0.94 14.16
C ASP A 188 -6.54 0.50 14.27
N ALA A 189 -6.32 -0.66 14.90
CA ALA A 189 -4.97 -1.08 15.24
C ALA A 189 -4.12 -1.34 14.01
N ASN A 190 -4.74 -1.68 12.88
CA ASN A 190 -4.02 -1.92 11.64
C ASN A 190 -4.24 -0.82 10.61
N GLU A 191 -4.78 0.32 11.03
CA GLU A 191 -5.07 1.45 10.15
C GLU A 191 -5.83 0.98 8.91
N LEU A 192 -6.86 0.18 9.15
CA LEU A 192 -7.77 -0.29 8.12
C LEU A 192 -9.12 0.40 8.27
N ASP A 193 -9.99 0.18 7.29
CA ASP A 193 -11.35 0.69 7.36
C ASP A 193 -12.33 -0.42 7.01
N SER A 194 -13.61 -0.08 6.90
CA SER A 194 -14.64 -1.11 6.73
C SER A 194 -14.49 -1.85 5.41
N LYS A 195 -14.04 -1.16 4.35
CA LYS A 195 -13.92 -1.79 3.03
C LYS A 195 -12.55 -2.44 2.80
N SER A 196 -11.63 -2.32 3.75
CA SER A 196 -10.27 -2.83 3.55
C SER A 196 -10.27 -4.34 3.40
N VAL A 197 -9.32 -4.85 2.62
CA VAL A 197 -9.15 -6.28 2.37
C VAL A 197 -8.06 -6.82 3.28
N VAL A 198 -8.31 -8.00 3.85
CA VAL A 198 -7.38 -8.66 4.76
C VAL A 198 -6.98 -10.00 4.15
N PHE A 199 -5.68 -10.16 3.90
CA PHE A 199 -5.17 -11.36 3.27
C PHE A 199 -4.73 -12.38 4.31
N TYR A 200 -4.93 -13.65 4.01
CA TYR A 200 -4.38 -14.70 4.85
C TYR A 200 -2.87 -14.81 4.62
N PHE A 201 -2.21 -15.50 5.55
CA PHE A 201 -0.75 -15.57 5.64
C PHE A 201 -0.13 -14.20 5.90
N THR A 202 -0.90 -13.26 6.43
CA THR A 202 -0.41 -11.92 6.73
C THR A 202 -0.81 -11.61 8.17
N PRO A 203 0.13 -11.25 9.04
CA PRO A 203 -0.21 -11.04 10.45
C PRO A 203 -1.04 -9.78 10.66
N LEU A 204 -1.93 -9.85 11.64
CA LEU A 204 -2.85 -8.77 11.96
C LEU A 204 -2.76 -8.48 13.45
N LEU A 205 -2.75 -7.20 13.81
CA LEU A 205 -2.75 -6.82 15.21
C LEU A 205 -4.17 -6.81 15.75
N VAL A 206 -4.32 -7.33 16.98
CA VAL A 206 -5.62 -7.40 17.65
C VAL A 206 -5.47 -6.78 19.03
N PRO A 207 -6.20 -5.70 19.34
CA PRO A 207 -6.11 -5.12 20.68
C PRO A 207 -6.92 -5.94 21.67
N LEU A 208 -6.34 -6.17 22.84
CA LEU A 208 -6.94 -7.02 23.85
C LEU A 208 -7.19 -6.23 25.12
N LYS A 209 -8.41 -6.36 25.66
CA LYS A 209 -8.73 -5.74 26.95
C LYS A 209 -8.31 -6.61 28.12
N THR A 210 -8.04 -7.89 27.88
CA THR A 210 -7.59 -8.80 28.91
C THR A 210 -6.66 -9.81 28.24
N GLU A 211 -6.22 -10.80 29.02
CA GLU A 211 -5.34 -11.83 28.47
C GLU A 211 -6.11 -12.67 27.45
N PRO A 212 -5.43 -13.20 26.44
CA PRO A 212 -6.13 -13.95 25.38
C PRO A 212 -6.71 -15.25 25.92
N PRO A 213 -7.71 -15.81 25.25
CA PRO A 213 -8.29 -17.07 25.72
C PRO A 213 -7.29 -18.20 25.61
N ALA A 214 -7.44 -19.18 26.50
CA ALA A 214 -6.53 -20.32 26.51
C ALA A 214 -6.60 -21.10 25.20
N ARG A 215 -7.78 -21.17 24.59
CA ARG A 215 -8.01 -22.00 23.41
C ARG A 215 -8.67 -21.15 22.34
N LEU A 216 -7.94 -20.83 21.28
CA LEU A 216 -8.50 -20.19 20.10
C LEU A 216 -9.02 -21.28 19.17
N GLN A 217 -10.27 -21.13 18.69
CA GLN A 217 -10.94 -22.24 18.05
C GLN A 217 -11.03 -22.09 16.53
N ILE A 218 -12.10 -21.48 16.03
CA ILE A 218 -12.37 -21.44 14.60
C ILE A 218 -11.66 -20.23 14.00
N ALA A 219 -10.78 -20.47 13.04
CA ALA A 219 -10.01 -19.42 12.39
C ALA A 219 -10.01 -19.62 10.87
N GLN B 2 7.87 8.83 -7.66
CA GLN B 2 6.67 9.12 -6.86
C GLN B 2 5.99 7.82 -6.44
N GLU B 3 5.35 7.86 -5.28
CA GLU B 3 4.61 6.71 -4.77
C GLU B 3 3.46 6.36 -5.72
N TYR B 4 3.19 5.06 -5.84
CA TYR B 4 2.17 4.55 -6.76
C TYR B 4 0.85 4.41 -6.02
N LEU B 5 -0.23 4.90 -6.65
CA LEU B 5 -1.54 4.95 -5.98
C LEU B 5 -1.97 3.58 -5.47
N ASN B 6 -1.74 2.53 -6.27
CA ASN B 6 -1.91 1.15 -5.82
C ASN B 6 -3.37 0.86 -5.45
N ASN B 7 -4.30 1.36 -6.25
CA ASN B 7 -5.74 1.15 -6.08
C ASN B 7 -6.28 1.69 -4.77
N ASN B 8 -5.51 2.50 -4.05
CA ASN B 8 -6.00 3.08 -2.81
C ASN B 8 -7.06 4.14 -3.04
N GLN B 9 -7.23 4.60 -4.28
CA GLN B 9 -8.21 5.63 -4.59
C GLN B 9 -9.63 5.08 -4.76
N LEU B 10 -9.78 3.75 -4.80
CA LEU B 10 -11.10 3.15 -4.99
C LEU B 10 -11.91 3.08 -3.71
N ASP B 11 -11.28 3.33 -2.56
CA ASP B 11 -11.95 3.35 -1.26
C ASP B 11 -11.70 4.73 -0.66
N CYS B 12 -12.75 5.54 -0.55
CA CYS B 12 -12.59 6.93 -0.17
C CYS B 12 -12.55 7.13 1.35
N ASP B 13 -12.54 6.04 2.13
CA ASP B 13 -12.14 6.11 3.52
C ASP B 13 -10.64 5.90 3.70
N ASN B 14 -9.98 5.36 2.67
CA ASN B 14 -8.53 5.21 2.69
C ASN B 14 -7.86 6.57 2.74
N THR B 15 -6.78 6.68 3.51
CA THR B 15 -6.07 7.94 3.71
C THR B 15 -4.56 7.75 3.54
N HIS B 16 -4.15 7.00 2.52
CA HIS B 16 -2.73 6.86 2.26
C HIS B 16 -2.15 8.17 1.73
N ASN B 17 -0.86 8.39 1.99
CA ASN B 17 -0.19 9.62 1.60
C ASN B 17 -0.33 9.90 0.10
N SER B 18 -0.38 8.85 -0.72
CA SER B 18 -0.38 9.02 -2.17
C SER B 18 -1.72 9.50 -2.72
N THR B 19 -2.83 9.14 -2.07
CA THR B 19 -4.14 9.53 -2.60
C THR B 19 -4.36 11.04 -2.56
N TYR B 20 -3.55 11.77 -1.79
CA TYR B 20 -3.62 13.22 -1.77
C TYR B 20 -2.78 13.87 -2.85
N GLY B 21 -2.09 13.08 -3.67
CA GLY B 21 -1.39 13.60 -4.83
C GLY B 21 0.10 13.31 -4.76
N ASN B 22 0.75 13.52 -5.90
CA ASN B 22 2.20 13.42 -5.98
C ASN B 22 2.84 14.46 -5.07
N VAL B 23 4.03 14.14 -4.58
CA VAL B 23 4.72 14.97 -3.60
C VAL B 23 5.63 15.96 -4.31
N CYS B 24 5.64 17.20 -3.85
CA CYS B 24 6.52 18.25 -4.38
C CYS B 24 7.95 17.93 -3.95
N ASN B 25 8.72 17.30 -4.85
CA ASN B 25 10.08 16.87 -4.55
C ASN B 25 11.06 17.30 -5.64
N SER B 26 10.79 18.44 -6.28
CA SER B 26 11.65 18.97 -7.33
C SER B 26 11.33 20.44 -7.57
N VAL B 27 11.41 20.89 -8.82
CA VAL B 27 11.15 22.28 -9.12
C VAL B 27 9.70 22.63 -8.81
N THR B 28 9.46 23.91 -8.54
CA THR B 28 8.14 24.38 -8.13
C THR B 28 7.14 24.43 -9.28
N SER B 29 7.59 24.24 -10.53
CA SER B 29 6.71 24.29 -11.68
C SER B 29 7.45 23.73 -12.89
N CYS B 30 6.71 23.14 -13.81
CA CYS B 30 7.30 22.54 -15.00
C CYS B 30 6.20 22.20 -15.99
N GLN B 31 6.60 21.89 -17.22
CA GLN B 31 5.67 21.45 -18.24
C GLN B 31 5.47 19.94 -18.12
N SER B 32 4.21 19.50 -18.20
CA SER B 32 3.86 18.11 -17.97
CA SER B 32 3.86 18.11 -17.97
C SER B 32 2.78 17.70 -18.96
N TYR B 33 2.42 16.41 -18.93
CA TYR B 33 1.43 15.84 -19.84
C TYR B 33 0.50 14.89 -19.09
N LEU B 34 -0.78 14.94 -19.43
CA LEU B 34 -1.79 13.98 -18.99
C LEU B 34 -2.26 13.15 -20.19
N THR B 35 -3.13 12.18 -19.91
CA THR B 35 -3.76 11.37 -20.93
C THR B 35 -5.24 11.21 -20.59
N PHE B 36 -6.04 10.93 -21.62
CA PHE B 36 -7.49 10.95 -21.49
C PHE B 36 -8.10 10.27 -22.71
N LYS B 37 -9.12 9.45 -22.46
CA LYS B 37 -9.81 8.71 -23.52
C LYS B 37 -11.02 9.51 -24.00
N SER B 38 -11.07 9.80 -25.30
CA SER B 38 -12.19 10.54 -25.85
CA SER B 38 -12.20 10.52 -25.88
C SER B 38 -13.50 9.85 -25.50
N SER B 39 -14.47 10.66 -25.07
CA SER B 39 -15.77 10.17 -24.59
C SER B 39 -16.88 10.95 -25.29
N SER B 40 -17.58 10.29 -26.20
CA SER B 40 -18.71 10.92 -26.88
C SER B 40 -19.92 10.95 -25.95
N PRO B 41 -20.74 12.01 -25.99
CA PRO B 41 -20.62 13.21 -26.85
C PRO B 41 -20.19 14.46 -26.10
N GLU B 42 -19.93 14.37 -24.80
CA GLU B 42 -19.62 15.55 -24.00
C GLU B 42 -18.14 15.90 -23.96
N TYR B 43 -17.26 14.92 -24.19
CA TYR B 43 -15.81 15.13 -24.09
C TYR B 43 -15.10 14.40 -25.23
N ASN B 44 -15.37 14.80 -26.47
CA ASN B 44 -14.73 14.16 -27.62
C ASN B 44 -14.16 15.17 -28.61
N THR B 45 -14.01 16.42 -28.20
CA THR B 45 -13.37 17.46 -28.99
C THR B 45 -12.27 18.09 -28.17
N PRO B 46 -11.28 18.74 -28.82
CA PRO B 46 -10.28 19.48 -28.04
C PRO B 46 -10.87 20.53 -27.11
N SER B 47 -11.93 21.22 -27.54
CA SER B 47 -12.54 22.24 -26.70
C SER B 47 -13.08 21.65 -25.40
N SER B 48 -13.89 20.59 -25.51
CA SER B 48 -14.56 20.04 -24.34
C SER B 48 -13.62 19.23 -23.46
N ILE B 49 -12.59 18.63 -24.05
CA ILE B 49 -11.57 17.96 -23.24
C ILE B 49 -10.73 18.99 -22.49
N SER B 50 -10.36 20.08 -23.16
CA SER B 50 -9.59 21.14 -22.51
CA SER B 50 -9.58 21.12 -22.50
C SER B 50 -10.40 21.85 -21.45
N TYR B 51 -11.71 21.97 -21.64
CA TYR B 51 -12.54 22.61 -20.63
C TYR B 51 -12.59 21.78 -19.35
N LEU B 52 -12.51 20.46 -19.48
CA LEU B 52 -12.58 19.57 -18.32
C LEU B 52 -11.23 19.49 -17.59
N LEU B 53 -10.12 19.65 -18.29
CA LEU B 53 -8.80 19.44 -17.71
C LEU B 53 -7.99 20.72 -17.57
N ASN B 54 -8.62 21.89 -17.77
CA ASN B 54 -7.94 23.20 -17.75
C ASN B 54 -6.66 23.16 -18.58
N SER B 55 -6.83 22.89 -19.87
CA SER B 55 -5.73 22.99 -20.81
C SER B 55 -6.08 24.01 -21.88
N THR B 56 -5.66 23.78 -23.12
CA THR B 56 -5.95 24.68 -24.21
C THR B 56 -6.34 23.83 -25.42
N PRO B 57 -7.42 24.19 -26.13
CA PRO B 57 -7.78 23.43 -27.34
C PRO B 57 -6.65 23.33 -28.34
N SER B 58 -5.90 24.41 -28.57
N SER B 58 -5.91 24.41 -28.59
CA SER B 58 -4.78 24.35 -29.51
CA SER B 58 -4.78 24.35 -29.51
C SER B 58 -3.62 23.55 -28.95
C SER B 58 -3.65 23.50 -28.95
N LEU B 59 -3.48 23.48 -27.62
CA LEU B 59 -2.44 22.67 -27.02
C LEU B 59 -2.71 21.19 -27.25
N VAL B 60 -3.94 20.75 -26.98
CA VAL B 60 -4.33 19.37 -27.28
C VAL B 60 -4.22 19.12 -28.78
N ALA B 61 -4.53 20.13 -29.59
CA ALA B 61 -4.46 19.99 -31.05
C ALA B 61 -3.02 19.70 -31.49
N LYS B 62 -2.08 20.57 -31.12
CA LYS B 62 -0.69 20.37 -31.51
C LYS B 62 -0.15 19.04 -31.01
N SER B 63 -0.50 18.65 -29.79
CA SER B 63 0.06 17.46 -29.16
C SER B 63 -0.40 16.16 -29.82
N ASN B 64 -1.40 16.20 -30.71
CA ASN B 64 -1.90 14.98 -31.32
C ASN B 64 -1.92 14.99 -32.85
N ASN B 65 -1.28 15.97 -33.51
CA ASN B 65 -1.38 16.18 -34.97
C ASN B 65 -2.85 16.16 -35.42
N ILE B 66 -3.64 17.04 -34.80
CA ILE B 66 -5.05 17.28 -35.16
C ILE B 66 -5.31 18.78 -35.06
N THR B 67 -6.50 19.19 -35.52
CA THR B 67 -6.89 20.59 -35.39
C THR B 67 -7.61 20.82 -34.06
N ASP B 68 -7.81 22.10 -33.72
CA ASP B 68 -8.41 22.42 -32.44
C ASP B 68 -9.91 22.19 -32.40
N VAL B 69 -10.53 21.78 -33.50
CA VAL B 69 -11.94 21.42 -33.52
C VAL B 69 -12.19 19.99 -33.98
N THR B 70 -11.13 19.22 -34.24
CA THR B 70 -11.22 17.87 -34.79
C THR B 70 -11.94 16.93 -33.82
N PRO B 71 -13.08 16.38 -34.21
CA PRO B 71 -13.75 15.37 -33.37
C PRO B 71 -12.87 14.12 -33.25
N ILE B 72 -12.70 13.66 -32.01
CA ILE B 72 -11.82 12.53 -31.71
C ILE B 72 -12.65 11.28 -31.50
N ILE B 73 -12.29 10.21 -32.20
CA ILE B 73 -13.05 8.97 -32.14
C ILE B 73 -13.07 8.40 -30.73
N THR B 74 -14.24 7.93 -30.31
CA THR B 74 -14.45 7.49 -28.93
C THR B 74 -13.45 6.41 -28.53
N ASP B 75 -12.92 6.55 -27.32
CA ASP B 75 -11.96 5.65 -26.67
C ASP B 75 -10.56 5.75 -27.25
N THR B 76 -10.27 6.76 -28.07
CA THR B 76 -8.90 7.07 -28.43
C THR B 76 -8.22 7.79 -27.28
N MET B 77 -6.95 7.46 -27.03
CA MET B 77 -6.18 8.11 -25.97
C MET B 77 -5.41 9.29 -26.55
N VAL B 78 -5.68 10.48 -26.01
CA VAL B 78 -5.03 11.69 -26.46
C VAL B 78 -4.13 12.22 -25.35
N THR B 79 -3.13 12.99 -25.73
CA THR B 79 -2.23 13.63 -24.78
CA THR B 79 -2.24 13.63 -24.77
C THR B 79 -2.73 15.04 -24.47
N VAL B 80 -2.56 15.46 -23.22
CA VAL B 80 -3.03 16.76 -22.75
C VAL B 80 -1.87 17.48 -22.07
N PRO B 81 -1.23 18.41 -22.76
CA PRO B 81 -0.18 19.24 -22.12
C PRO B 81 -0.79 20.16 -21.08
N VAL B 82 -0.27 20.08 -19.85
CA VAL B 82 -0.68 20.93 -18.74
C VAL B 82 0.56 21.36 -17.98
N THR B 83 0.43 22.45 -17.23
CA THR B 83 1.50 22.94 -16.38
C THR B 83 1.36 22.36 -14.98
N CYS B 84 2.42 21.72 -14.49
CA CYS B 84 2.44 21.09 -13.18
C CYS B 84 3.21 22.00 -12.21
N SER B 85 2.55 22.38 -11.12
CA SER B 85 3.14 23.28 -10.14
CA SER B 85 3.14 23.29 -10.14
C SER B 85 2.89 22.75 -8.74
N CYS B 86 3.75 23.17 -7.80
CA CYS B 86 3.60 22.77 -6.41
C CYS B 86 2.56 23.63 -5.72
N SER B 87 1.87 23.02 -4.75
CA SER B 87 0.80 23.70 -4.02
C SER B 87 0.52 22.89 -2.76
N GLY B 88 1.02 23.37 -1.63
CA GLY B 88 0.80 22.68 -0.36
C GLY B 88 1.52 21.36 -0.24
N GLY B 89 2.73 21.25 -0.78
CA GLY B 89 3.50 20.03 -0.73
C GLY B 89 3.13 19.01 -1.78
N ARG B 90 2.25 19.35 -2.72
CA ARG B 90 1.79 18.43 -3.74
C ARG B 90 2.04 18.99 -5.14
N TYR B 91 2.32 18.09 -6.07
CA TYR B 91 2.26 18.41 -7.49
C TYR B 91 0.83 18.21 -7.97
N GLN B 92 0.31 19.20 -8.70
CA GLN B 92 -1.02 19.06 -9.27
C GLN B 92 -1.22 20.14 -10.34
N HIS B 93 -2.14 19.85 -11.26
CA HIS B 93 -2.63 20.81 -12.22
C HIS B 93 -4.07 21.14 -11.86
N ASN B 94 -4.32 22.40 -11.50
CA ASN B 94 -5.64 22.80 -11.03
C ASN B 94 -6.64 22.82 -12.19
N ALA B 95 -7.85 22.34 -11.91
CA ALA B 95 -8.98 22.44 -12.82
C ALA B 95 -10.24 22.66 -12.00
N THR B 96 -11.33 23.00 -12.68
CA THR B 96 -12.62 23.22 -12.04
C THR B 96 -13.69 22.40 -12.72
N TYR B 97 -14.69 21.99 -11.94
CA TYR B 97 -15.75 21.12 -12.43
C TYR B 97 -17.05 21.47 -11.74
N ASN B 98 -18.03 21.92 -12.52
CA ASN B 98 -19.36 22.19 -12.02
CA ASN B 98 -19.37 22.19 -12.02
C ASN B 98 -20.19 20.91 -12.09
N LEU B 99 -20.79 20.52 -10.97
CA LEU B 99 -21.58 19.29 -10.95
C LEU B 99 -22.78 19.43 -11.89
N LYS B 100 -22.96 18.42 -12.74
CA LYS B 100 -24.03 18.47 -13.73
C LYS B 100 -25.37 18.08 -13.13
N LYS B 101 -25.40 16.98 -12.37
CA LYS B 101 -26.64 16.46 -11.82
C LYS B 101 -26.42 16.08 -10.36
N THR B 102 -27.38 16.47 -9.51
CA THR B 102 -27.35 16.04 -8.12
C THR B 102 -27.42 14.52 -8.06
N GLY B 103 -26.37 13.91 -7.50
CA GLY B 103 -26.26 12.46 -7.49
C GLY B 103 -24.84 12.04 -7.80
N GLU B 104 -24.13 12.87 -8.55
CA GLU B 104 -22.71 12.67 -8.72
C GLU B 104 -22.01 12.73 -7.37
N THR B 105 -20.91 12.00 -7.25
CA THR B 105 -20.15 11.91 -6.02
C THR B 105 -18.70 12.26 -6.28
N TYR B 106 -17.94 12.43 -5.20
CA TYR B 106 -16.51 12.64 -5.34
C TYR B 106 -15.85 11.47 -6.05
N PHE B 107 -16.36 10.25 -5.84
CA PHE B 107 -15.75 9.09 -6.46
C PHE B 107 -16.11 8.95 -7.93
N SER B 108 -17.35 9.24 -8.31
CA SER B 108 -17.71 9.18 -9.72
C SER B 108 -16.99 10.28 -10.50
N ILE B 109 -16.88 11.47 -9.91
CA ILE B 109 -16.15 12.55 -10.57
C ILE B 109 -14.69 12.17 -10.77
N ALA B 110 -14.10 11.53 -9.75
CA ALA B 110 -12.67 11.22 -9.81
C ALA B 110 -12.39 10.07 -10.78
N ASN B 111 -12.98 8.89 -10.55
CA ASN B 111 -12.60 7.73 -11.36
C ASN B 111 -13.36 7.68 -12.69
N ASN B 112 -14.62 8.12 -12.74
CA ASN B 112 -15.39 8.08 -14.00
C ASN B 112 -15.12 9.31 -14.88
N THR B 113 -15.62 10.48 -14.44
CA THR B 113 -15.54 11.68 -15.27
C THR B 113 -14.10 12.00 -15.63
N TYR B 114 -13.22 12.03 -14.64
CA TYR B 114 -11.82 12.36 -14.87
C TYR B 114 -10.96 11.12 -15.10
N GLN B 115 -11.58 9.94 -15.20
CA GLN B 115 -10.92 8.71 -15.65
C GLN B 115 -9.68 8.38 -14.82
N SER B 116 -9.69 8.76 -13.54
CA SER B 116 -8.64 8.51 -12.55
C SER B 116 -7.46 9.48 -12.65
N LEU B 117 -7.66 10.66 -13.23
CA LEU B 117 -6.63 11.69 -13.19
C LEU B 117 -6.60 12.42 -11.86
N THR B 118 -7.61 12.20 -11.01
CA THR B 118 -7.63 12.73 -9.65
C THR B 118 -8.20 11.65 -8.75
N THR B 119 -8.27 11.94 -7.45
CA THR B 119 -8.77 11.00 -6.46
C THR B 119 -9.84 11.67 -5.62
N CYS B 120 -10.73 10.84 -5.05
CA CYS B 120 -11.74 11.38 -4.14
C CYS B 120 -11.10 11.97 -2.90
N GLN B 121 -9.97 11.42 -2.45
CA GLN B 121 -9.28 11.97 -1.28
C GLN B 121 -8.81 13.39 -1.55
N ALA B 122 -8.15 13.61 -2.69
CA ALA B 122 -7.67 14.94 -3.02
C ALA B 122 -8.84 15.91 -3.25
N LEU B 123 -9.96 15.41 -3.77
CA LEU B 123 -11.12 16.27 -3.96
C LEU B 123 -11.74 16.66 -2.61
N MET B 124 -11.87 15.69 -1.70
CA MET B 124 -12.39 16.01 -0.37
C MET B 124 -11.46 16.94 0.40
N ALA B 125 -10.14 16.80 0.20
CA ALA B 125 -9.20 17.61 0.95
C ALA B 125 -9.18 19.06 0.48
N GLN B 126 -9.55 19.32 -0.77
CA GLN B 126 -9.40 20.65 -1.35
C GLN B 126 -10.74 21.30 -1.69
N ASN B 127 -11.83 20.85 -1.10
CA ASN B 127 -13.15 21.42 -1.31
C ASN B 127 -13.87 21.50 0.02
N PRO B 128 -14.83 22.43 0.14
CA PRO B 128 -15.52 22.59 1.43
C PRO B 128 -16.74 21.69 1.62
N TYR B 129 -17.23 21.10 0.53
CA TYR B 129 -18.45 20.31 0.60
C TYR B 129 -18.17 18.92 1.17
N ASP B 130 -19.03 18.50 2.09
CA ASP B 130 -18.98 17.12 2.57
C ASP B 130 -19.34 16.15 1.45
N ALA B 131 -18.72 14.98 1.49
CA ALA B 131 -18.95 13.97 0.45
C ALA B 131 -20.43 13.66 0.28
N LYS B 132 -21.20 13.76 1.35
CA LYS B 132 -22.63 13.45 1.33
C LYS B 132 -23.50 14.70 1.19
N ASN B 133 -22.92 15.83 0.80
CA ASN B 133 -23.63 17.11 0.74
C ASN B 133 -23.39 17.79 -0.61
N LEU B 134 -23.32 17.01 -1.68
CA LEU B 134 -23.03 17.52 -3.01
C LEU B 134 -24.32 17.69 -3.80
N PHE B 135 -24.46 18.83 -4.47
CA PHE B 135 -25.62 19.14 -5.29
C PHE B 135 -25.20 19.64 -6.65
N ALA B 136 -26.10 19.52 -7.63
CA ALA B 136 -25.89 20.12 -8.93
C ALA B 136 -25.55 21.60 -8.79
N GLY B 137 -24.68 22.09 -9.66
CA GLY B 137 -24.22 23.46 -9.59
C GLY B 137 -23.05 23.71 -8.67
N ASP B 138 -22.68 22.75 -7.83
CA ASP B 138 -21.51 22.92 -6.98
C ASP B 138 -20.24 22.94 -7.83
N ASP B 139 -19.42 23.96 -7.65
CA ASP B 139 -18.19 24.13 -8.39
C ASP B 139 -17.03 23.61 -7.56
N LEU B 140 -16.26 22.67 -8.13
CA LEU B 140 -15.21 21.97 -7.40
C LEU B 140 -13.83 22.36 -7.92
N HIS B 141 -12.89 22.54 -6.99
CA HIS B 141 -11.49 22.61 -7.34
C HIS B 141 -10.97 21.18 -7.57
N VAL B 142 -10.51 20.91 -8.79
CA VAL B 142 -10.11 19.56 -9.18
C VAL B 142 -8.58 19.52 -9.24
N PRO B 143 -7.91 18.83 -8.31
CA PRO B 143 -6.45 18.70 -8.39
C PRO B 143 -6.01 17.50 -9.22
N LEU B 144 -5.73 17.73 -10.50
CA LEU B 144 -5.32 16.64 -11.38
C LEU B 144 -3.91 16.18 -11.06
N ARG B 145 -3.61 14.91 -11.36
CA ARG B 145 -2.39 14.26 -10.92
C ARG B 145 -1.29 14.43 -11.98
N CYS B 146 -0.26 15.20 -11.64
CA CYS B 146 0.92 15.35 -12.48
C CYS B 146 2.15 15.35 -11.59
N ALA B 147 3.33 15.43 -12.20
CA ALA B 147 4.57 15.45 -11.44
C ALA B 147 5.69 16.01 -12.30
N CYS B 148 6.63 16.71 -11.65
CA CYS B 148 7.80 17.24 -12.33
C CYS B 148 8.98 16.31 -12.11
N PRO B 149 9.82 16.12 -13.14
CA PRO B 149 10.97 15.22 -13.00
C PRO B 149 11.91 15.69 -11.92
N THR B 150 12.34 14.75 -11.07
CA THR B 150 13.27 15.07 -10.00
C THR B 150 14.64 15.41 -10.58
N LYS B 151 15.51 15.93 -9.71
CA LYS B 151 16.88 16.26 -10.14
C LYS B 151 17.60 15.03 -10.67
N LYS B 152 17.34 13.87 -10.06
CA LYS B 152 17.93 12.63 -10.58
C LYS B 152 17.34 12.25 -11.93
N GLN B 153 16.05 12.52 -12.15
CA GLN B 153 15.43 12.19 -13.43
C GLN B 153 15.89 13.13 -14.54
N SER B 154 16.03 14.42 -14.21
CA SER B 154 16.55 15.37 -15.20
C SER B 154 17.95 14.97 -15.64
N ASP B 155 18.77 14.48 -14.72
CA ASP B 155 20.14 14.07 -15.05
C ASP B 155 20.18 12.79 -15.87
N ALA B 156 19.10 12.02 -15.88
CA ALA B 156 18.99 10.87 -16.77
C ALA B 156 18.44 11.25 -18.14
N GLY B 157 18.13 12.52 -18.37
CA GLY B 157 17.71 12.99 -19.66
C GLY B 157 16.21 13.15 -19.86
N PHE B 158 15.43 13.15 -18.79
CA PHE B 158 13.98 13.23 -18.88
C PHE B 158 13.53 14.68 -18.73
N LYS B 159 12.86 15.20 -19.75
CA LYS B 159 12.33 16.56 -19.71
C LYS B 159 10.93 16.61 -19.08
N TYR B 160 10.11 15.59 -19.31
CA TYR B 160 8.72 15.60 -18.89
C TYR B 160 8.38 14.31 -18.17
N LEU B 161 7.24 14.34 -17.46
CA LEU B 161 6.63 13.16 -16.87
C LEU B 161 5.18 13.10 -17.33
N LEU B 162 4.75 11.94 -17.84
CA LEU B 162 3.43 11.79 -18.43
C LEU B 162 2.56 10.92 -17.53
N THR B 163 1.49 11.50 -17.00
CA THR B 163 0.49 10.73 -16.26
C THR B 163 -0.30 9.88 -17.25
N TYR B 164 -0.15 8.56 -17.15
CA TYR B 164 -0.64 7.64 -18.16
C TYR B 164 -1.79 6.81 -17.61
N LEU B 165 -2.97 6.94 -18.21
CA LEU B 165 -4.15 6.18 -17.81
C LEU B 165 -4.01 4.75 -18.30
N VAL B 166 -3.74 3.83 -17.37
CA VAL B 166 -3.51 2.44 -17.74
C VAL B 166 -4.83 1.78 -18.10
N SER B 167 -4.88 1.18 -19.29
CA SER B 167 -6.01 0.38 -19.72
C SER B 167 -5.72 -1.10 -19.47
N GLN B 168 -6.75 -1.92 -19.64
CA GLN B 168 -6.63 -3.34 -19.29
C GLN B 168 -5.79 -4.07 -20.32
N GLY B 169 -4.80 -4.83 -19.85
CA GLY B 169 -3.93 -5.62 -20.68
C GLY B 169 -2.51 -5.09 -20.80
N GLU B 170 -2.30 -3.82 -20.47
CA GLU B 170 -0.98 -3.23 -20.60
C GLU B 170 -0.06 -3.73 -19.49
N SER B 171 1.20 -3.30 -19.58
CA SER B 171 2.21 -3.58 -18.56
C SER B 171 3.30 -2.52 -18.70
N PRO B 172 4.18 -2.38 -17.69
CA PRO B 172 5.26 -1.39 -17.80
C PRO B 172 6.11 -1.53 -19.05
N ASP B 173 6.07 -2.72 -19.66
CA ASP B 173 6.79 -2.95 -20.91
C ASP B 173 6.08 -2.27 -22.08
N SER B 174 4.87 -2.71 -22.40
CA SER B 174 4.14 -2.16 -23.54
C SER B 174 4.00 -0.66 -23.43
N ILE B 175 3.71 -0.16 -22.23
CA ILE B 175 3.63 1.28 -22.01
C ILE B 175 4.96 1.95 -22.35
N ALA B 176 6.06 1.40 -21.82
CA ALA B 176 7.38 1.96 -22.10
C ALA B 176 7.74 1.86 -23.57
N GLU B 177 7.09 0.97 -24.32
CA GLU B 177 7.37 0.88 -25.76
C GLU B 177 6.59 1.91 -26.56
N ILE B 178 5.46 2.38 -26.03
CA ILE B 178 4.74 3.46 -26.68
C ILE B 178 5.59 4.73 -26.68
N PHE B 179 6.36 4.94 -25.63
CA PHE B 179 7.12 6.16 -25.43
C PHE B 179 8.62 5.96 -25.60
N GLY B 180 9.05 4.79 -26.07
CA GLY B 180 10.44 4.54 -26.39
C GLY B 180 11.39 4.61 -25.23
N VAL B 181 10.92 4.34 -24.02
CA VAL B 181 11.74 4.48 -22.82
C VAL B 181 12.01 3.08 -22.26
N ASP B 182 13.01 3.00 -21.37
CA ASP B 182 13.37 1.73 -20.76
C ASP B 182 12.33 1.31 -19.74
N THR B 183 12.02 0.01 -19.74
CA THR B 183 11.04 -0.52 -18.80
C THR B 183 11.42 -0.22 -17.36
N GLN B 184 12.72 -0.10 -17.08
CA GLN B 184 13.15 0.28 -15.74
C GLN B 184 12.62 1.66 -15.36
N SER B 185 12.99 2.68 -16.14
N SER B 185 12.98 2.68 -16.14
CA SER B 185 12.61 4.07 -15.88
CA SER B 185 12.61 4.07 -15.90
C SER B 185 11.15 4.24 -15.50
C SER B 185 11.15 4.23 -15.49
N VAL B 186 10.28 3.36 -16.03
CA VAL B 186 8.88 3.39 -15.64
C VAL B 186 8.72 2.96 -14.19
N LEU B 187 9.45 1.92 -13.79
CA LEU B 187 9.30 1.39 -12.43
C LEU B 187 9.89 2.34 -11.40
N ASP B 188 11.02 2.98 -11.72
CA ASP B 188 11.56 4.02 -10.86
C ASP B 188 10.55 5.15 -10.64
N ALA B 189 9.97 5.65 -11.74
CA ALA B 189 9.07 6.80 -11.65
C ALA B 189 7.88 6.52 -10.74
N ASN B 190 7.45 5.26 -10.65
CA ASN B 190 6.31 4.88 -9.83
C ASN B 190 6.71 4.11 -8.57
N GLU B 191 8.00 4.07 -8.26
CA GLU B 191 8.50 3.34 -7.08
C GLU B 191 7.97 1.91 -7.05
N LEU B 192 8.12 1.22 -8.17
CA LEU B 192 7.71 -0.16 -8.31
C LEU B 192 8.90 -1.00 -8.74
N ASP B 193 8.79 -2.31 -8.60
CA ASP B 193 9.83 -3.22 -9.05
C ASP B 193 9.26 -4.19 -10.08
N SER B 194 10.11 -5.12 -10.52
CA SER B 194 9.78 -6.02 -11.62
C SER B 194 8.66 -6.99 -11.29
N LYS B 195 8.23 -7.07 -10.04
CA LYS B 195 7.13 -7.95 -9.65
C LYS B 195 5.89 -7.19 -9.22
N SER B 196 5.94 -5.86 -9.22
CA SER B 196 4.78 -5.08 -8.84
C SER B 196 3.64 -5.29 -9.83
N VAL B 197 2.41 -5.26 -9.31
CA VAL B 197 1.21 -5.39 -10.12
C VAL B 197 0.66 -4.01 -10.41
N VAL B 198 0.44 -3.70 -11.69
CA VAL B 198 -0.12 -2.44 -12.12
C VAL B 198 -1.56 -2.69 -12.55
N PHE B 199 -2.48 -1.89 -12.02
CA PHE B 199 -3.90 -2.05 -12.28
C PHE B 199 -4.35 -1.06 -13.35
N TYR B 200 -5.37 -1.47 -14.10
CA TYR B 200 -6.06 -0.54 -14.98
C TYR B 200 -7.04 0.30 -14.18
N PHE B 201 -7.45 1.43 -14.76
CA PHE B 201 -8.20 2.49 -14.07
C PHE B 201 -7.39 3.12 -12.96
N THR B 202 -6.07 2.99 -13.01
CA THR B 202 -5.17 3.61 -12.05
C THR B 202 -4.08 4.33 -12.82
N PRO B 203 -3.86 5.63 -12.58
CA PRO B 203 -2.86 6.37 -13.35
C PRO B 203 -1.46 5.82 -13.10
N LEU B 204 -0.54 6.22 -13.97
CA LEU B 204 0.81 5.67 -13.94
C LEU B 204 1.75 6.68 -14.57
N LEU B 205 2.77 7.09 -13.84
CA LEU B 205 3.73 8.05 -14.38
C LEU B 205 4.65 7.37 -15.39
N VAL B 206 4.95 8.08 -16.46
CA VAL B 206 5.87 7.60 -17.49
C VAL B 206 6.85 8.72 -17.83
N PRO B 207 8.13 8.55 -17.54
CA PRO B 207 9.10 9.60 -17.87
C PRO B 207 9.34 9.67 -19.37
N LEU B 208 9.54 10.89 -19.86
CA LEU B 208 9.75 11.14 -21.28
C LEU B 208 11.04 11.90 -21.49
N LYS B 209 11.79 11.53 -22.53
CA LYS B 209 12.97 12.28 -22.93
C LYS B 209 12.65 13.36 -23.95
N THR B 210 11.72 13.07 -24.85
CA THR B 210 11.20 14.02 -25.83
C THR B 210 9.69 14.11 -25.67
N GLU B 211 9.08 14.97 -26.48
CA GLU B 211 7.63 15.09 -26.46
C GLU B 211 6.97 13.76 -26.83
N PRO B 212 5.80 13.48 -26.29
CA PRO B 212 5.14 12.19 -26.54
C PRO B 212 4.68 12.09 -27.99
N PRO B 213 4.46 10.87 -28.49
CA PRO B 213 4.00 10.71 -29.87
C PRO B 213 2.61 11.29 -30.08
N ALA B 214 2.39 11.85 -31.27
CA ALA B 214 1.09 12.43 -31.60
C ALA B 214 -0.01 11.38 -31.51
N ARG B 215 0.21 10.22 -32.12
CA ARG B 215 -0.72 9.10 -32.07
C ARG B 215 -0.11 8.03 -31.17
N LEU B 216 -0.63 7.89 -29.96
CA LEU B 216 -0.15 6.86 -29.05
C LEU B 216 -0.34 5.48 -29.66
N GLN B 217 -1.60 5.06 -29.81
CA GLN B 217 -1.97 3.84 -30.52
C GLN B 217 -1.19 2.63 -29.99
N ILE B 218 -1.51 2.28 -28.75
CA ILE B 218 -0.88 1.15 -28.06
C ILE B 218 0.64 1.22 -28.16
#